data_4OKX
#
_entry.id   4OKX
#
_cell.length_a   55.861
_cell.length_b   66.674
_cell.length_c   70.291
_cell.angle_alpha   90.00
_cell.angle_beta   90.00
_cell.angle_gamma   90.00
#
_symmetry.space_group_name_H-M   'P 21 21 21'
#
loop_
_entity.id
_entity.type
_entity.pdbx_description
1 polymer 'Androgen receptor'
2 polymer 'co-regulator peptide'
3 non-polymer 'SULFATE ION'
4 non-polymer R-BICALUTAMIDE
5 water water
#
loop_
_entity_poly.entity_id
_entity_poly.type
_entity_poly.pdbx_seq_one_letter_code
_entity_poly.pdbx_strand_id
1 'polypeptide(L)'
;QPIFLNVLEAIEPGVVCAGHDNNQPDSFAALLSSLNELGERQLVHVVKWAKALPGFRNLHVDDQMAVIQYSLMGLMVFAM
GWRSFTNVNSAMLYFAPDLVFNEYRMHKSRMYSQCVRMRHLSQEFGWLQITPQEFLCMKALLLFSIIPVDGLKNQKFFDE
LRMNYIKELDRIIACKRKNPTSCSRRFYQLTKLLDSVQPIARELHQFTFDLLIKSHMVSVDFPEMMAEIISVQVPKILSG
KVKPIYFHTQ
;
A
2 'polypeptide(L)' ANSSFRDWYTSS B
#
# COMPACT_ATOMS: atom_id res chain seq x y z
N PRO A 2 1.13 22.79 13.71
CA PRO A 2 1.56 21.51 13.18
C PRO A 2 1.23 21.49 11.66
N ILE A 3 2.07 22.13 10.86
CA ILE A 3 1.73 22.38 9.45
C ILE A 3 1.75 21.09 8.64
N PHE A 4 2.72 20.25 8.96
CA PHE A 4 2.93 19.06 8.16
C PHE A 4 1.75 18.08 8.32
N LEU A 5 1.24 17.99 9.53
CA LEU A 5 0.17 17.11 9.90
C LEU A 5 -1.18 17.61 9.41
N ASN A 6 -1.35 18.92 9.49
CA ASN A 6 -2.51 19.60 8.89
C ASN A 6 -2.69 19.08 7.47
N VAL A 7 -1.60 19.15 6.69
CA VAL A 7 -1.60 18.80 5.28
C VAL A 7 -1.92 17.29 5.12
N LEU A 8 -1.28 16.43 5.91
CA LEU A 8 -1.55 14.97 5.87
C LEU A 8 -3.01 14.68 6.12
N GLU A 9 -3.61 15.33 7.10
CA GLU A 9 -5.03 15.15 7.43
C GLU A 9 -5.90 15.64 6.26
N ALA A 10 -5.56 16.78 5.66
CA ALA A 10 -6.37 17.39 4.61
C ALA A 10 -6.39 16.59 3.30
N ILE A 11 -5.27 15.92 2.97
CA ILE A 11 -5.18 15.18 1.68
C ILE A 11 -5.57 13.70 1.74
N GLU A 12 -5.92 13.24 2.94
CA GLU A 12 -6.07 11.79 3.19
C GLU A 12 -7.30 11.30 2.41
N PRO A 13 -7.17 10.24 1.61
CA PRO A 13 -8.34 9.86 0.83
C PRO A 13 -9.51 9.44 1.71
N GLY A 14 -10.72 9.53 1.19
CA GLY A 14 -11.88 9.05 1.87
C GLY A 14 -12.16 7.65 1.40
N VAL A 15 -13.41 7.24 1.60
CA VAL A 15 -13.94 5.88 1.28
C VAL A 15 -13.90 5.49 -0.18
N VAL A 16 -13.39 4.28 -0.45
CA VAL A 16 -13.34 3.74 -1.80
C VAL A 16 -14.07 2.39 -1.73
N CYS A 17 -15.13 2.25 -2.51
CA CYS A 17 -15.81 1.01 -2.69
C CYS A 17 -15.19 0.23 -3.90
N ALA A 18 -15.39 -1.07 -3.88
CA ALA A 18 -14.85 -2.02 -4.83
C ALA A 18 -15.83 -2.25 -5.94
N GLY A 19 -17.12 -2.06 -5.69
CA GLY A 19 -18.15 -2.39 -6.68
C GLY A 19 -18.52 -3.87 -6.71
N HIS A 20 -18.16 -4.59 -5.63
CA HIS A 20 -18.36 -6.04 -5.57
C HIS A 20 -19.83 -6.43 -5.45
N ASP A 21 -20.30 -7.43 -6.21
CA ASP A 21 -21.70 -7.88 -6.04
C ASP A 21 -21.77 -8.84 -4.86
N ASN A 22 -22.28 -8.37 -3.72
CA ASN A 22 -22.30 -9.22 -2.51
C ASN A 22 -23.48 -10.23 -2.50
N ASN A 23 -24.11 -10.47 -3.64
CA ASN A 23 -25.14 -11.51 -3.77
C ASN A 23 -24.62 -12.72 -4.56
N GLN A 24 -23.52 -12.54 -5.26
CA GLN A 24 -22.89 -13.69 -5.90
C GLN A 24 -22.18 -14.40 -4.77
N PRO A 25 -21.85 -15.68 -4.98
CA PRO A 25 -21.25 -16.33 -3.85
C PRO A 25 -19.75 -16.15 -3.93
N ASP A 26 -19.13 -16.20 -2.78
CA ASP A 26 -17.71 -16.02 -2.71
C ASP A 26 -16.98 -17.07 -3.54
N SER A 27 -16.62 -16.67 -4.76
CA SER A 27 -15.80 -17.48 -5.64
C SER A 27 -14.47 -16.77 -5.85
N PHE A 28 -13.44 -17.54 -6.20
CA PHE A 28 -12.12 -17.00 -6.42
C PHE A 28 -12.13 -15.88 -7.45
N ALA A 29 -12.85 -16.13 -8.55
CA ALA A 29 -12.79 -15.27 -9.69
C ALA A 29 -13.51 -13.95 -9.40
N ALA A 30 -14.63 -14.05 -8.69
CA ALA A 30 -15.42 -12.90 -8.28
C ALA A 30 -14.69 -12.06 -7.25
N LEU A 31 -14.06 -12.72 -6.28
CA LEU A 31 -13.44 -11.98 -5.22
C LEU A 31 -12.22 -11.27 -5.78
N LEU A 32 -11.42 -11.97 -6.59
CA LEU A 32 -10.22 -11.36 -7.13
C LEU A 32 -10.47 -10.33 -8.21
N SER A 33 -11.56 -10.47 -8.96
CA SER A 33 -11.92 -9.49 -9.95
C SER A 33 -12.31 -8.18 -9.26
N SER A 34 -13.02 -8.23 -8.13
CA SER A 34 -13.29 -7.05 -7.37
C SER A 34 -12.04 -6.51 -6.69
N LEU A 35 -11.16 -7.38 -6.18
CA LEU A 35 -9.92 -6.88 -5.60
C LEU A 35 -9.05 -6.12 -6.60
N ASN A 36 -9.00 -6.62 -7.83
CA ASN A 36 -8.25 -5.98 -8.91
C ASN A 36 -8.90 -4.65 -9.28
N GLU A 37 -10.21 -4.63 -9.33
CA GLU A 37 -10.91 -3.36 -9.57
C GLU A 37 -10.66 -2.35 -8.45
N LEU A 38 -10.72 -2.83 -7.20
CA LEU A 38 -10.48 -1.95 -6.04
C LEU A 38 -9.08 -1.43 -6.08
N GLY A 39 -8.14 -2.29 -6.55
CA GLY A 39 -6.76 -1.88 -6.65
C GLY A 39 -6.61 -0.68 -7.57
N GLU A 40 -7.30 -0.67 -8.71
CA GLU A 40 -7.23 0.46 -9.64
C GLU A 40 -7.84 1.72 -9.07
N ARG A 41 -8.96 1.54 -8.38
CA ARG A 41 -9.68 2.63 -7.73
C ARG A 41 -8.87 3.23 -6.64
N GLN A 42 -8.18 2.39 -5.87
CA GLN A 42 -7.23 2.93 -4.88
C GLN A 42 -5.98 3.56 -5.49
N LEU A 43 -5.43 2.99 -6.55
CA LEU A 43 -4.30 3.66 -7.21
C LEU A 43 -4.70 5.14 -7.55
N VAL A 44 -5.90 5.32 -8.09
CA VAL A 44 -6.35 6.69 -8.49
C VAL A 44 -6.24 7.63 -7.31
N HIS A 45 -6.75 7.21 -6.16
CA HIS A 45 -6.69 8.04 -4.99
C HIS A 45 -5.27 8.21 -4.48
N VAL A 46 -4.45 7.16 -4.60
CA VAL A 46 -3.05 7.26 -4.07
C VAL A 46 -2.24 8.31 -4.89
N VAL A 47 -2.50 8.37 -6.19
CA VAL A 47 -1.87 9.33 -7.10
C VAL A 47 -2.21 10.80 -6.70
N LYS A 48 -3.49 11.07 -6.55
CA LYS A 48 -3.94 12.42 -6.10
C LYS A 48 -3.42 12.81 -4.75
N TRP A 49 -3.43 11.87 -3.82
CA TRP A 49 -2.80 12.00 -2.51
C TRP A 49 -1.33 12.35 -2.63
N ALA A 50 -0.60 11.57 -3.36
CA ALA A 50 0.83 11.70 -3.38
C ALA A 50 1.29 12.99 -4.02
N LYS A 51 0.59 13.41 -5.07
CA LYS A 51 0.90 14.67 -5.80
C LYS A 51 0.70 15.91 -4.92
N ALA A 52 -0.11 15.79 -3.89
CA ALA A 52 -0.36 16.82 -2.89
C ALA A 52 0.49 16.71 -1.61
N LEU A 53 1.45 15.78 -1.59
CA LEU A 53 2.27 15.59 -0.43
C LEU A 53 3.31 16.65 -0.35
N PRO A 54 3.64 17.10 0.87
CA PRO A 54 4.76 18.04 0.95
C PRO A 54 6.07 17.56 0.30
N GLY A 55 6.53 18.37 -0.65
CA GLY A 55 7.77 18.12 -1.41
C GLY A 55 7.76 17.14 -2.55
N PHE A 56 6.64 16.43 -2.80
CA PHE A 56 6.65 15.28 -3.72
C PHE A 56 7.01 15.73 -5.13
N ARG A 57 6.52 16.90 -5.51
CA ARG A 57 6.72 17.43 -6.88
C ARG A 57 8.16 17.85 -7.14
N ASN A 58 8.98 17.94 -6.09
CA ASN A 58 10.43 18.14 -6.18
C ASN A 58 11.13 16.99 -6.88
N LEU A 59 10.53 15.79 -6.82
CA LEU A 59 11.02 14.63 -7.54
C LEU A 59 10.86 14.79 -9.05
N HIS A 60 11.89 14.36 -9.80
CA HIS A 60 11.73 14.11 -11.20
C HIS A 60 10.44 13.30 -11.45
N VAL A 61 9.74 13.66 -12.51
CA VAL A 61 8.43 13.12 -12.79
C VAL A 61 8.46 11.62 -12.95
N ASP A 62 9.56 11.11 -13.52
CA ASP A 62 9.66 9.68 -13.73
C ASP A 62 9.81 8.95 -12.38
N ASP A 63 10.42 9.64 -11.42
CA ASP A 63 10.67 9.06 -10.11
C ASP A 63 9.38 9.11 -9.28
N GLN A 64 8.61 10.18 -9.42
CA GLN A 64 7.26 10.22 -8.87
C GLN A 64 6.47 9.00 -9.30
N MET A 65 6.43 8.72 -10.60
CA MET A 65 5.66 7.60 -11.12
C MET A 65 6.15 6.26 -10.62
N ALA A 66 7.47 6.08 -10.58
CA ALA A 66 8.07 4.84 -10.14
C ALA A 66 7.76 4.55 -8.68
N VAL A 67 8.03 5.53 -7.83
CA VAL A 67 7.88 5.41 -6.37
C VAL A 67 6.42 5.06 -6.04
N ILE A 68 5.46 5.68 -6.75
CA ILE A 68 4.04 5.35 -6.55
C ILE A 68 3.77 3.92 -6.97
N GLN A 69 4.23 3.54 -8.16
CA GLN A 69 3.99 2.18 -8.60
C GLN A 69 4.67 1.11 -7.73
N TYR A 70 5.88 1.33 -7.27
CA TYR A 70 6.59 0.35 -6.45
C TYR A 70 5.97 0.20 -5.09
N SER A 71 5.58 1.32 -4.49
CA SER A 71 5.08 1.27 -3.13
C SER A 71 3.55 1.10 -2.98
N LEU A 72 2.83 1.04 -4.09
CA LEU A 72 1.35 0.99 -4.08
C LEU A 72 0.83 -0.16 -3.20
N MET A 73 1.33 -1.39 -3.41
CA MET A 73 0.89 -2.56 -2.57
C MET A 73 0.96 -2.29 -1.06
N GLY A 74 2.13 -1.79 -0.62
CA GLY A 74 2.44 -1.49 0.75
C GLY A 74 1.55 -0.42 1.35
N LEU A 75 1.32 0.61 0.54
CA LEU A 75 0.44 1.70 0.96
C LEU A 75 -0.93 1.15 1.18
N MET A 76 -1.39 0.29 0.29
CA MET A 76 -2.74 -0.23 0.38
C MET A 76 -2.91 -1.23 1.56
N VAL A 77 -1.85 -2.02 1.83
CA VAL A 77 -1.85 -2.92 2.91
C VAL A 77 -1.91 -2.20 4.19
N PHE A 78 -1.07 -1.19 4.37
CA PHE A 78 -0.99 -0.44 5.60
C PHE A 78 -2.28 0.35 5.90
N ALA A 79 -2.88 0.94 4.84
CA ALA A 79 -4.08 1.70 5.05
C ALA A 79 -5.21 0.70 5.32
N MET A 80 -5.18 -0.46 4.71
CA MET A 80 -6.24 -1.40 4.93
C MET A 80 -6.20 -1.93 6.36
N GLY A 81 -4.97 -2.19 6.88
CA GLY A 81 -4.83 -2.63 8.25
C GLY A 81 -5.41 -1.62 9.22
N TRP A 82 -5.16 -0.34 8.94
CA TRP A 82 -5.72 0.74 9.75
C TRP A 82 -7.24 0.76 9.71
N ARG A 83 -7.82 0.71 8.50
CA ARG A 83 -9.27 0.65 8.36
C ARG A 83 -9.88 -0.49 9.13
N SER A 84 -9.22 -1.64 9.06
CA SER A 84 -9.69 -2.85 9.72
C SER A 84 -9.75 -2.66 11.24
N PHE A 85 -8.77 -1.92 11.75
CA PHE A 85 -8.65 -1.54 13.14
C PHE A 85 -9.72 -0.55 13.57
N THR A 86 -9.86 0.56 12.85
CA THR A 86 -10.70 1.61 13.34
C THR A 86 -12.16 1.31 13.04
N ASN A 87 -12.45 0.41 12.09
CA ASN A 87 -13.84 0.15 11.69
C ASN A 87 -14.36 -1.07 12.38
N VAL A 88 -13.58 -2.13 12.38
CA VAL A 88 -14.06 -3.41 12.86
C VAL A 88 -13.18 -3.93 13.95
N ASN A 89 -12.38 -3.05 14.56
CA ASN A 89 -11.42 -3.52 15.56
C ASN A 89 -10.65 -4.77 15.24
N SER A 90 -10.31 -4.96 13.96
CA SER A 90 -9.43 -6.02 13.46
C SER A 90 -10.06 -7.39 13.34
N ALA A 91 -11.38 -7.49 13.49
CA ALA A 91 -12.03 -8.80 13.42
C ALA A 91 -12.02 -9.37 12.00
N MET A 92 -12.09 -8.48 11.00
CA MET A 92 -12.14 -8.92 9.62
C MET A 92 -11.29 -7.94 8.82
N LEU A 93 -10.98 -8.28 7.57
CA LEU A 93 -10.17 -7.40 6.73
C LEU A 93 -11.10 -6.50 5.94
N TYR A 94 -11.07 -5.20 6.29
CA TYR A 94 -11.92 -4.20 5.68
C TYR A 94 -11.28 -3.66 4.36
N PHE A 95 -11.32 -4.41 3.30
CA PHE A 95 -10.72 -3.88 2.08
C PHE A 95 -11.53 -2.62 1.65
N ALA A 96 -12.83 -2.68 1.81
CA ALA A 96 -13.73 -1.61 1.46
C ALA A 96 -15.04 -1.89 2.11
N PRO A 97 -15.96 -0.89 2.15
CA PRO A 97 -17.24 -1.12 2.79
C PRO A 97 -18.03 -2.25 2.19
N ASP A 98 -17.94 -2.42 0.85
CA ASP A 98 -18.60 -3.52 0.12
C ASP A 98 -17.73 -4.76 -0.17
N LEU A 99 -16.59 -4.88 0.51
CA LEU A 99 -15.67 -5.98 0.31
C LEU A 99 -14.88 -6.22 1.58
N VAL A 100 -15.59 -6.79 2.55
CA VAL A 100 -15.07 -7.10 3.87
C VAL A 100 -14.85 -8.61 3.89
N PHE A 101 -13.63 -8.99 4.22
CA PHE A 101 -13.20 -10.38 4.20
C PHE A 101 -13.36 -11.01 5.57
N ASN A 102 -14.24 -11.99 5.65
CA ASN A 102 -14.31 -12.85 6.84
C ASN A 102 -13.46 -14.06 6.57
N GLU A 103 -13.37 -14.96 7.55
CA GLU A 103 -12.49 -16.09 7.42
C GLU A 103 -12.65 -16.83 6.16
N TYR A 104 -13.91 -17.04 5.74
CA TYR A 104 -14.20 -17.87 4.61
C TYR A 104 -13.72 -17.22 3.30
N ARG A 105 -13.81 -15.90 3.26
CA ARG A 105 -13.46 -15.15 2.06
C ARG A 105 -11.96 -15.22 1.93
N MET A 106 -11.29 -15.09 3.04
CA MET A 106 -9.85 -15.31 3.12
C MET A 106 -9.41 -16.61 2.52
N HIS A 107 -10.20 -17.68 2.74
CA HIS A 107 -9.89 -18.99 2.17
CA HIS A 107 -9.87 -19.00 2.19
C HIS A 107 -10.23 -19.04 0.72
N LYS A 108 -11.42 -18.56 0.39
CA LYS A 108 -11.84 -18.56 -1.02
C LYS A 108 -10.95 -17.73 -1.97
N SER A 109 -10.37 -16.65 -1.43
CA SER A 109 -9.43 -15.79 -2.21
C SER A 109 -8.07 -16.44 -2.49
N ARG A 110 -7.76 -17.51 -1.76
CA ARG A 110 -6.53 -18.30 -1.93
C ARG A 110 -5.34 -17.43 -1.49
N MET A 111 -5.61 -16.56 -0.51
CA MET A 111 -4.62 -15.66 0.04
C MET A 111 -4.67 -15.70 1.53
N TYR A 112 -4.92 -16.87 2.11
CA TYR A 112 -5.21 -16.93 3.54
C TYR A 112 -3.99 -16.57 4.37
N SER A 113 -2.83 -17.11 4.00
CA SER A 113 -1.67 -16.83 4.86
C SER A 113 -1.39 -15.35 4.87
N GLN A 114 -1.44 -14.71 3.72
CA GLN A 114 -1.24 -13.24 3.69
C GLN A 114 -2.33 -12.51 4.44
N CYS A 115 -3.59 -12.96 4.29
CA CYS A 115 -4.69 -12.34 5.06
C CYS A 115 -4.43 -12.34 6.56
N VAL A 116 -3.91 -13.47 7.04
CA VAL A 116 -3.65 -13.62 8.48
C VAL A 116 -2.52 -12.66 8.89
N ARG A 117 -1.54 -12.50 8.02
CA ARG A 117 -0.49 -11.47 8.31
C ARG A 117 -1.08 -10.09 8.38
N MET A 118 -1.99 -9.80 7.46
CA MET A 118 -2.57 -8.43 7.42
C MET A 118 -3.41 -8.13 8.64
N ARG A 119 -4.23 -9.05 9.15
CA ARG A 119 -4.92 -8.78 10.43
C ARG A 119 -4.04 -8.77 11.68
N HIS A 120 -2.94 -9.48 11.67
CA HIS A 120 -1.92 -9.31 12.71
C HIS A 120 -1.50 -7.80 12.73
N LEU A 121 -1.16 -7.30 11.54
CA LEU A 121 -0.74 -5.89 11.33
C LEU A 121 -1.80 -4.98 11.80
N SER A 122 -3.03 -5.31 11.41
CA SER A 122 -4.15 -4.55 11.91
C SER A 122 -4.13 -4.61 13.45
N GLN A 123 -3.88 -5.75 14.05
CA GLN A 123 -3.98 -5.77 15.55
C GLN A 123 -2.96 -4.81 16.14
N GLU A 124 -1.77 -4.86 15.56
CA GLU A 124 -0.66 -4.00 15.99
C GLU A 124 -1.04 -2.56 16.14
N PHE A 125 -1.98 -2.11 15.32
CA PHE A 125 -2.39 -0.75 15.43
C PHE A 125 -3.02 -0.44 16.80
N GLY A 126 -3.73 -1.41 17.32
CA GLY A 126 -4.43 -1.27 18.63
C GLY A 126 -3.46 -1.58 19.75
N TRP A 127 -2.74 -2.69 19.63
CA TRP A 127 -1.70 -3.08 20.59
C TRP A 127 -0.77 -1.91 20.87
N LEU A 128 -0.26 -1.25 19.83
CA LEU A 128 0.79 -0.25 20.05
C LEU A 128 0.16 1.01 20.37
N GLN A 129 -1.17 1.07 20.31
CA GLN A 129 -1.91 2.35 20.45
C GLN A 129 -1.46 3.39 19.45
N ILE A 130 -1.32 2.99 18.20
CA ILE A 130 -0.98 3.96 17.17
C ILE A 130 -1.97 5.08 17.10
N THR A 131 -1.47 6.30 17.10
CA THR A 131 -2.32 7.43 16.94
C THR A 131 -2.58 7.68 15.45
N PRO A 132 -3.73 8.33 15.15
CA PRO A 132 -4.05 8.78 13.78
C PRO A 132 -2.93 9.57 13.13
N GLN A 133 -2.27 10.38 13.92
CA GLN A 133 -1.21 11.24 13.41
C GLN A 133 0.08 10.43 13.09
N GLU A 134 0.35 9.42 13.90
CA GLU A 134 1.48 8.50 13.66
C GLU A 134 1.19 7.64 12.43
N PHE A 135 -0.02 7.11 12.30
CA PHE A 135 -0.48 6.40 11.11
C PHE A 135 -0.27 7.19 9.83
N LEU A 136 -0.67 8.46 9.80
CA LEU A 136 -0.52 9.27 8.65
C LEU A 136 0.94 9.52 8.26
N CYS A 137 1.79 9.85 9.24
CA CYS A 137 3.19 10.10 8.96
CA CYS A 137 3.21 10.02 9.02
C CYS A 137 3.89 8.80 8.53
N MET A 138 3.50 7.68 9.12
CA MET A 138 4.06 6.41 8.75
C MET A 138 3.59 6.02 7.32
N LYS A 139 2.34 6.30 6.98
CA LYS A 139 1.86 5.96 5.68
C LYS A 139 2.61 6.76 4.59
N ALA A 140 2.82 8.03 4.84
CA ALA A 140 3.56 8.91 3.95
C ALA A 140 4.99 8.40 3.81
N LEU A 141 5.66 7.99 4.90
CA LEU A 141 6.99 7.29 4.79
C LEU A 141 6.98 6.06 3.88
N LEU A 142 5.97 5.24 3.91
CA LEU A 142 5.93 4.05 3.08
C LEU A 142 6.03 4.40 1.61
N LEU A 143 5.60 5.59 1.23
CA LEU A 143 5.76 6.04 -0.15
C LEU A 143 7.25 6.15 -0.50
N PHE A 144 8.11 6.44 0.49
CA PHE A 144 9.49 6.67 0.23
C PHE A 144 10.37 5.50 0.76
N SER A 145 9.85 4.31 0.68
CA SER A 145 10.46 3.10 1.24
C SER A 145 10.75 1.96 0.30
N ILE A 146 10.69 2.21 -1.02
CA ILE A 146 11.06 1.19 -2.01
C ILE A 146 11.60 1.81 -3.29
N ILE A 147 12.82 1.43 -3.64
CA ILE A 147 13.57 2.12 -4.70
C ILE A 147 14.48 1.14 -5.46
N PRO A 148 14.85 1.46 -6.71
CA PRO A 148 15.77 0.58 -7.49
C PRO A 148 17.11 0.55 -6.80
N VAL A 149 17.72 -0.62 -6.77
CA VAL A 149 19.05 -0.79 -6.15
C VAL A 149 20.04 0.14 -6.88
N ASP A 150 19.82 0.43 -8.16
CA ASP A 150 20.66 1.38 -8.87
C ASP A 150 20.24 2.80 -8.77
N GLY A 151 19.28 3.10 -7.89
CA GLY A 151 18.90 4.47 -7.60
C GLY A 151 17.88 5.02 -8.58
N LEU A 152 17.37 6.18 -8.26
CA LEU A 152 16.30 6.81 -9.02
C LEU A 152 16.97 7.77 -9.97
N LYS A 153 16.19 8.42 -10.82
CA LYS A 153 16.77 9.40 -11.75
C LYS A 153 17.42 10.62 -11.08
N ASN A 154 16.74 11.29 -10.16
CA ASN A 154 17.37 12.25 -9.27
C ASN A 154 17.30 11.74 -7.79
N GLN A 155 18.22 10.85 -7.47
CA GLN A 155 18.31 10.20 -6.16
C GLN A 155 18.47 11.18 -4.98
N LYS A 156 19.08 12.35 -5.21
CA LYS A 156 19.34 13.28 -4.11
C LYS A 156 18.04 13.92 -3.64
N PHE A 157 17.17 14.27 -4.57
CA PHE A 157 15.88 14.79 -4.20
C PHE A 157 15.05 13.76 -3.42
N PHE A 158 15.14 12.50 -3.79
CA PHE A 158 14.50 11.47 -3.03
C PHE A 158 15.02 11.36 -1.59
N ASP A 159 16.34 11.39 -1.43
CA ASP A 159 16.98 11.17 -0.11
C ASP A 159 16.65 12.27 0.88
N GLU A 160 16.67 13.50 0.38
CA GLU A 160 16.19 14.68 1.09
C GLU A 160 14.78 14.53 1.60
N LEU A 161 13.92 14.17 0.69
CA LEU A 161 12.52 13.97 1.03
C LEU A 161 12.33 12.90 2.08
N ARG A 162 12.87 11.68 1.85
CA ARG A 162 12.79 10.60 2.83
C ARG A 162 13.30 11.07 4.20
N MET A 163 14.43 11.73 4.19
CA MET A 163 15.02 12.26 5.40
C MET A 163 14.05 13.20 6.15
N ASN A 164 13.46 14.15 5.42
CA ASN A 164 12.46 15.06 6.00
C ASN A 164 11.20 14.38 6.49
N TYR A 165 10.75 13.28 5.88
CA TYR A 165 9.59 12.55 6.40
C TYR A 165 9.98 11.70 7.63
N ILE A 166 11.24 11.26 7.70
CA ILE A 166 11.66 10.60 8.95
C ILE A 166 11.70 11.61 10.11
N LYS A 167 12.18 12.81 9.87
CA LYS A 167 12.24 13.85 10.87
C LYS A 167 10.83 14.22 11.36
N GLU A 168 9.88 14.39 10.42
CA GLU A 168 8.50 14.65 10.78
C GLU A 168 7.95 13.55 11.67
N LEU A 169 8.28 12.29 11.38
CA LEU A 169 7.89 11.21 12.26
C LEU A 169 8.46 11.37 13.68
N ASP A 170 9.70 11.85 13.82
CA ASP A 170 10.26 12.16 15.16
C ASP A 170 9.65 13.44 15.76
N ARG A 171 9.41 14.49 14.96
CA ARG A 171 8.75 15.66 15.52
C ARG A 171 7.40 15.23 16.13
N ILE A 172 6.75 14.21 15.56
CA ILE A 172 5.47 13.67 16.06
C ILE A 172 5.58 12.74 17.26
N ILE A 173 6.61 11.90 17.29
CA ILE A 173 6.88 11.06 18.46
C ILE A 173 7.21 11.89 19.71
N ALA A 174 7.84 13.05 19.54
CA ALA A 174 8.26 13.89 20.66
C ALA A 174 7.11 14.75 21.19
N CYS A 183 10.30 6.54 23.89
CA CYS A 183 10.43 7.61 22.92
C CYS A 183 11.47 7.26 21.83
N SER A 184 12.69 7.04 22.25
CA SER A 184 13.58 6.21 21.51
C SER A 184 12.83 4.92 21.30
N ARG A 185 12.11 4.47 22.33
CA ARG A 185 11.40 3.19 22.18
C ARG A 185 10.18 3.26 21.24
N ARG A 186 9.48 4.40 21.14
CA ARG A 186 8.39 4.57 20.18
C ARG A 186 8.96 4.46 18.72
N PHE A 187 10.13 5.03 18.49
CA PHE A 187 10.79 4.92 17.20
C PHE A 187 11.16 3.49 16.87
N TYR A 188 11.65 2.78 17.86
CA TYR A 188 11.93 1.38 17.59
C TYR A 188 10.64 0.60 17.25
N GLN A 189 9.55 0.84 17.97
CA GLN A 189 8.33 0.03 17.71
C GLN A 189 7.79 0.27 16.27
N LEU A 190 7.74 1.54 15.91
CA LEU A 190 7.14 1.97 14.65
C LEU A 190 7.98 1.67 13.42
N THR A 191 9.33 1.83 13.49
CA THR A 191 10.20 1.40 12.40
C THR A 191 10.04 -0.05 12.19
N LYS A 192 9.87 -0.74 13.30
CA LYS A 192 9.59 -2.18 13.23
C LYS A 192 8.19 -2.45 12.63
N LEU A 193 7.17 -1.75 13.07
CA LEU A 193 5.84 -1.89 12.37
C LEU A 193 5.98 -1.60 10.84
N LEU A 194 6.64 -0.50 10.47
CA LEU A 194 6.87 -0.19 9.00
C LEU A 194 7.57 -1.29 8.19
N ASP A 195 8.63 -1.85 8.76
CA ASP A 195 9.30 -2.97 8.13
C ASP A 195 8.37 -4.17 7.87
N SER A 196 7.45 -4.46 8.79
CA SER A 196 6.60 -5.69 8.66
C SER A 196 5.66 -5.56 7.49
N VAL A 197 5.55 -4.37 6.91
CA VAL A 197 4.65 -4.20 5.74
C VAL A 197 5.28 -4.87 4.55
N GLN A 198 6.60 -4.77 4.43
CA GLN A 198 7.26 -5.13 3.18
C GLN A 198 7.18 -6.60 2.85
N PRO A 199 7.44 -7.45 3.84
CA PRO A 199 7.29 -8.87 3.45
C PRO A 199 5.89 -9.22 2.95
N ILE A 200 4.90 -8.59 3.55
CA ILE A 200 3.50 -8.87 3.18
C ILE A 200 3.26 -8.38 1.76
N ALA A 201 3.75 -7.17 1.47
CA ALA A 201 3.58 -6.60 0.12
C ALA A 201 4.27 -7.50 -0.89
N ARG A 202 5.45 -7.99 -0.52
CA ARG A 202 6.20 -8.89 -1.46
C ARG A 202 5.44 -10.16 -1.77
N GLU A 203 4.91 -10.85 -0.76
CA GLU A 203 4.03 -12.01 -1.04
C GLU A 203 2.81 -11.65 -1.89
N LEU A 204 2.23 -10.50 -1.64
CA LEU A 204 1.08 -10.08 -2.47
C LEU A 204 1.48 -9.82 -3.89
N HIS A 205 2.62 -9.19 -4.03
CA HIS A 205 3.19 -9.00 -5.32
C HIS A 205 3.36 -10.32 -6.04
N GLN A 206 3.99 -11.28 -5.37
CA GLN A 206 4.23 -12.61 -6.04
C GLN A 206 2.91 -13.23 -6.45
N PHE A 207 1.99 -13.25 -5.49
CA PHE A 207 0.66 -13.82 -5.75
C PHE A 207 -0.02 -13.13 -6.89
N THR A 208 0.07 -11.80 -6.92
CA THR A 208 -0.61 -11.00 -8.00
C THR A 208 0.01 -11.23 -9.35
N PHE A 209 1.33 -11.29 -9.38
CA PHE A 209 2.05 -11.62 -10.62
C PHE A 209 1.63 -12.99 -11.21
N ASP A 210 1.70 -14.02 -10.36
CA ASP A 210 1.36 -15.42 -10.78
C ASP A 210 -0.07 -15.46 -11.30
N LEU A 211 -0.95 -14.82 -10.54
CA LEU A 211 -2.35 -14.74 -10.93
C LEU A 211 -2.56 -14.06 -12.24
N LEU A 212 -1.83 -12.99 -12.53
CA LEU A 212 -1.99 -12.36 -13.85
C LEU A 212 -1.55 -13.28 -15.00
N ILE A 213 -0.52 -14.07 -14.76
CA ILE A 213 0.06 -14.88 -15.82
C ILE A 213 -0.96 -15.95 -16.18
N LYS A 214 -1.59 -16.52 -15.17
CA LYS A 214 -2.55 -17.59 -15.34
C LYS A 214 -3.97 -17.09 -15.20
N SER A 215 -4.18 -15.77 -15.35
CA SER A 215 -5.53 -15.17 -15.20
C SER A 215 -6.61 -15.61 -16.22
N HIS A 216 -6.22 -15.80 -17.48
CA HIS A 216 -7.15 -16.29 -18.50
C HIS A 216 -7.70 -17.68 -18.15
N MET A 217 -6.87 -18.48 -17.50
CA MET A 217 -7.27 -19.83 -17.10
C MET A 217 -8.27 -19.88 -15.95
N VAL A 218 -8.18 -18.93 -15.01
CA VAL A 218 -8.96 -18.99 -13.79
C VAL A 218 -10.10 -17.99 -13.79
N SER A 219 -10.30 -17.37 -14.94
CA SER A 219 -11.36 -16.40 -15.21
C SER A 219 -11.29 -15.13 -14.35
N VAL A 220 -10.07 -14.69 -14.04
CA VAL A 220 -9.87 -13.46 -13.26
C VAL A 220 -9.60 -12.30 -14.15
N ASP A 221 -10.19 -11.19 -13.77
CA ASP A 221 -10.29 -10.05 -14.62
C ASP A 221 -9.42 -8.93 -14.04
N PHE A 222 -8.41 -8.48 -14.81
CA PHE A 222 -7.55 -7.33 -14.43
C PHE A 222 -7.80 -6.12 -15.24
N PRO A 223 -7.95 -4.95 -14.58
CA PRO A 223 -8.02 -3.70 -15.37
C PRO A 223 -6.73 -3.43 -16.10
N GLU A 224 -6.83 -2.79 -17.27
CA GLU A 224 -5.66 -2.61 -18.13
C GLU A 224 -4.46 -2.01 -17.41
N MET A 225 -4.70 -0.98 -16.63
CA MET A 225 -3.58 -0.26 -16.12
C MET A 225 -2.88 -1.09 -15.07
N MET A 226 -3.66 -1.87 -14.35
CA MET A 226 -3.08 -2.71 -13.33
C MET A 226 -2.28 -3.84 -14.00
N ALA A 227 -2.73 -4.31 -15.17
CA ALA A 227 -2.00 -5.33 -15.94
C ALA A 227 -0.61 -4.86 -16.42
N GLU A 228 -0.55 -3.64 -16.95
CA GLU A 228 0.66 -2.96 -17.32
C GLU A 228 1.58 -2.79 -16.12
N ILE A 229 1.04 -2.32 -15.00
CA ILE A 229 1.83 -2.20 -13.84
C ILE A 229 2.35 -3.56 -13.42
N ILE A 230 1.48 -4.56 -13.41
CA ILE A 230 1.91 -5.84 -12.97
C ILE A 230 2.98 -6.41 -13.90
N SER A 231 2.92 -6.11 -15.19
CA SER A 231 3.80 -6.76 -16.13
C SER A 231 5.14 -5.99 -16.34
N VAL A 232 5.16 -4.70 -16.03
CA VAL A 232 6.28 -3.79 -16.29
C VAL A 232 7.02 -3.43 -14.99
N GLN A 233 6.28 -3.24 -13.90
CA GLN A 233 6.94 -2.75 -12.70
C GLN A 233 7.15 -3.83 -11.67
N VAL A 234 6.13 -4.64 -11.42
CA VAL A 234 6.19 -5.64 -10.34
C VAL A 234 7.40 -6.65 -10.53
N PRO A 235 7.77 -6.99 -11.82
CA PRO A 235 8.90 -7.96 -12.02
C PRO A 235 10.23 -7.35 -11.64
N LYS A 236 10.29 -6.02 -11.73
CA LYS A 236 11.49 -5.34 -11.23
C LYS A 236 11.71 -5.61 -9.81
N ILE A 237 10.64 -5.70 -9.04
CA ILE A 237 10.71 -6.00 -7.64
C ILE A 237 10.99 -7.49 -7.41
N LEU A 238 10.28 -8.35 -8.13
CA LEU A 238 10.39 -9.77 -7.83
C LEU A 238 11.76 -10.25 -8.32
N SER A 239 12.31 -9.62 -9.36
CA SER A 239 13.64 -9.97 -9.82
C SER A 239 14.79 -9.34 -9.04
N GLY A 240 14.48 -8.56 -8.01
CA GLY A 240 15.52 -7.92 -7.18
C GLY A 240 16.17 -6.62 -7.65
N LYS A 241 15.72 -6.06 -8.76
CA LYS A 241 16.18 -4.77 -9.19
C LYS A 241 15.63 -3.62 -8.30
N VAL A 242 14.56 -3.89 -7.56
CA VAL A 242 13.86 -2.85 -6.84
C VAL A 242 13.53 -3.45 -5.51
N LYS A 243 14.08 -2.88 -4.46
CA LYS A 243 14.00 -3.42 -3.10
C LYS A 243 13.50 -2.40 -2.06
N PRO A 244 12.84 -2.87 -0.99
CA PRO A 244 12.49 -2.02 0.13
C PRO A 244 13.71 -1.47 0.78
N ILE A 245 13.52 -0.33 1.43
CA ILE A 245 14.52 0.23 2.33
C ILE A 245 14.05 -0.18 3.71
N TYR A 246 14.59 -1.32 4.19
CA TYR A 246 14.33 -1.77 5.58
C TYR A 246 15.08 -0.89 6.58
N PHE A 247 14.47 -0.57 7.71
CA PHE A 247 15.16 0.01 8.83
C PHE A 247 16.09 -1.03 9.56
N HIS A 248 15.51 -2.19 9.88
CA HIS A 248 16.18 -3.22 10.68
C HIS A 248 16.64 -4.36 9.82
N THR A 249 17.44 -5.22 10.45
CA THR A 249 18.11 -6.39 9.80
C THR A 249 18.70 -6.06 8.43
N SER B 4 1.15 4.71 -20.69
CA SER B 4 -0.29 4.57 -20.26
C SER B 4 -0.60 4.79 -18.78
N PHE B 5 0.21 4.24 -17.86
CA PHE B 5 0.20 4.81 -16.51
C PHE B 5 0.78 6.21 -16.70
N ARG B 6 1.86 6.27 -17.49
CA ARG B 6 2.57 7.52 -17.82
C ARG B 6 1.66 8.58 -18.45
N ASP B 7 0.93 8.17 -19.48
CA ASP B 7 -0.05 9.02 -20.17
C ASP B 7 -1.10 9.51 -19.20
N TRP B 8 -1.63 8.61 -18.39
CA TRP B 8 -2.65 9.00 -17.41
C TRP B 8 -2.10 9.90 -16.30
N TYR B 9 -0.85 9.70 -15.90
CA TYR B 9 -0.29 10.42 -14.77
C TYR B 9 0.03 11.84 -15.16
N THR B 10 0.65 11.99 -16.34
CA THR B 10 1.15 13.27 -16.86
C THR B 10 0.16 13.98 -17.79
N SER B 11 -0.99 13.36 -18.08
CA SER B 11 -1.95 13.91 -19.04
C SER B 11 -2.20 15.39 -18.79
#